data_5D4S
#
_entry.id   5D4S
#
_cell.length_a   138.228
_cell.length_b   42.454
_cell.length_c   67.211
_cell.angle_alpha   90.00
_cell.angle_beta   114.99
_cell.angle_gamma   90.00
#
_symmetry.space_group_name_H-M   'C 1 2 1'
#
loop_
_entity.id
_entity.type
_entity.pdbx_description
1 polymer 'Arabinose metabolism transcriptional repressor'
2 polymer "DNA (5'-D(*TP*AP*AP*TP*AP*TP*TP*TP*GP*TP*AP*CP*GP*TP*AP*TP*GP*TP*AP*TP*T)-3')"
3 polymer "DNA (5'-D(*AP*AP*AP*TP*AP*CP*AP*TP*AP*CP*GP*TP*AP*CP*AP*AP*AP*TP*AP*TP*T)-3')"
4 water water
#
loop_
_entity_poly.entity_id
_entity_poly.type
_entity_poly.pdbx_seq_one_letter_code
_entity_poly.pdbx_strand_id
1 'polypeptide(L)'
;MHHHHHHLEVLFQGPLGSEFMLPKYAQVKEEISSWINQGKILPDQKIPTENELMQQFGVSRHTIRKAIGDLVSQGLLYSV
QGGGTFVA
;
A,B
2 'polydeoxyribonucleotide'
;(DT)(DA)(DA)(DT)(DA)(DT)(DT)(DT)(DG)(DT)(DA)(DC)(DG)(DT)(DA)(DT)(DG)(DT)(DA)(DT)
(DT)
;
T
3 'polydeoxyribonucleotide'
;(DA)(DA)(DA)(DT)(DA)(DC)(DA)(DT)(DA)(DC)(DG)(DT)(DA)(DC)(DA)(DA)(DA)(DT)(DA)(DT)
(DT)
;
U
#
# COMPACT_ATOMS: atom_id res chain seq x y z
N GLU A 19 16.59 15.09 -14.52
CA GLU A 19 16.05 15.90 -13.44
C GLU A 19 16.39 15.28 -12.08
N PHE A 20 16.46 16.18 -11.09
CA PHE A 20 16.88 15.85 -9.75
C PHE A 20 15.67 15.69 -8.83
N MET A 21 14.49 16.03 -9.30
CA MET A 21 13.36 16.00 -8.38
C MET A 21 12.77 14.62 -8.11
N LEU A 22 12.41 14.37 -6.85
CA LEU A 22 11.69 13.18 -6.43
C LEU A 22 10.57 13.60 -5.49
N PRO A 23 9.45 12.86 -5.49
CA PRO A 23 8.42 13.23 -4.51
C PRO A 23 8.94 13.06 -3.09
N LYS A 24 8.33 13.78 -2.14
CA LYS A 24 8.81 13.78 -0.76
C LYS A 24 8.89 12.39 -0.15
N TYR A 25 7.93 11.52 -0.47
CA TYR A 25 7.95 10.19 0.14
C TYR A 25 9.17 9.43 -0.39
N ALA A 26 9.56 9.71 -1.63
CA ALA A 26 10.71 9.04 -2.22
C ALA A 26 12.01 9.52 -1.57
N GLN A 27 12.07 10.81 -1.24
CA GLN A 27 13.24 11.35 -0.57
C GLN A 27 13.34 10.77 0.84
N VAL A 28 12.20 10.59 1.50
CA VAL A 28 12.21 9.98 2.84
C VAL A 28 12.67 8.52 2.74
N LYS A 29 12.16 7.79 1.75
CA LYS A 29 12.64 6.45 1.45
C LYS A 29 14.14 6.36 1.24
N GLU A 30 14.67 7.24 0.38
CA GLU A 30 16.11 7.27 0.11
C GLU A 30 16.92 7.50 1.38
N GLU A 31 16.47 8.43 2.22
CA GLU A 31 17.25 8.76 3.41
C GLU A 31 17.21 7.60 4.42
N ILE A 32 16.02 7.03 4.62
CA ILE A 32 15.91 5.92 5.55
C ILE A 32 16.73 4.74 5.03
N SER A 33 16.67 4.51 3.73
CA SER A 33 17.46 3.47 3.10
C SER A 33 18.92 3.70 3.37
N SER A 34 19.33 4.96 3.33
CA SER A 34 20.71 5.34 3.55
C SER A 34 21.16 5.05 4.97
N TRP A 35 20.26 5.19 5.93
CA TRP A 35 20.58 4.79 7.32
C TRP A 35 20.93 3.31 7.40
N ILE A 36 20.10 2.47 6.78
CA ILE A 36 20.46 1.09 6.50
C ILE A 36 21.48 1.17 5.36
N ASN A 37 21.95 0.07 4.81
CA ASN A 37 23.05 0.13 3.86
C ASN A 37 24.27 0.53 4.69
N GLN A 38 24.30 1.60 5.37
CA GLN A 38 25.41 2.50 5.76
C GLN A 38 25.62 1.95 7.17
N GLY A 39 24.76 1.04 7.59
CA GLY A 39 24.94 0.35 8.85
C GLY A 39 24.66 1.19 10.09
N LYS A 40 24.01 2.35 9.91
CA LYS A 40 23.67 3.20 11.04
C LYS A 40 22.55 2.63 11.88
N ILE A 41 21.68 1.85 11.24
CA ILE A 41 20.69 1.06 11.94
C ILE A 41 20.88 -0.40 11.55
N LEU A 42 21.08 -1.25 12.55
CA LEU A 42 21.36 -2.66 12.31
C LEU A 42 20.07 -3.48 12.32
N PRO A 43 20.10 -4.69 11.74
CA PRO A 43 18.95 -5.59 11.77
C PRO A 43 18.31 -5.71 13.16
N ASP A 44 16.98 -5.62 13.18
CA ASP A 44 16.17 -5.71 14.39
C ASP A 44 16.33 -4.51 15.34
N GLN A 45 17.01 -3.46 14.88
CA GLN A 45 17.02 -2.19 15.61
C GLN A 45 15.89 -1.29 15.12
N LYS A 46 15.38 -0.45 16.03
CA LYS A 46 14.22 0.39 15.73
C LYS A 46 14.59 1.70 15.03
N ILE A 47 13.84 2.08 13.99
CA ILE A 47 14.00 3.40 13.39
C ILE A 47 13.18 4.38 14.22
N PRO A 48 13.28 5.70 13.92
CA PRO A 48 12.46 6.63 14.71
C PRO A 48 10.96 6.40 14.53
N THR A 49 10.15 6.85 15.49
CA THR A 49 8.70 6.73 15.38
C THR A 49 8.16 7.58 14.24
N GLU A 50 6.90 7.35 13.90
CA GLU A 50 6.23 8.12 12.87
C GLU A 50 6.24 9.60 13.22
N ASN A 51 5.91 9.94 14.48
CA ASN A 51 5.93 11.33 14.94
C ASN A 51 7.33 11.96 14.79
N GLU A 52 8.34 11.17 15.16
CA GLU A 52 9.72 11.65 15.08
C GLU A 52 10.12 11.89 13.63
N LEU A 53 9.78 10.96 12.74
CA LEU A 53 10.10 11.14 11.32
C LEU A 53 9.33 12.31 10.69
N MET A 54 8.06 12.46 11.06
CA MET A 54 7.26 13.61 10.66
C MET A 54 7.96 14.93 10.98
N GLN A 55 8.36 15.08 12.22
CA GLN A 55 9.02 16.33 12.57
C GLN A 55 10.44 16.44 11.97
N GLN A 56 11.12 15.32 11.78
CA GLN A 56 12.46 15.33 11.20
C GLN A 56 12.47 15.75 9.73
N PHE A 57 11.50 15.27 8.99
CA PHE A 57 11.43 15.59 7.56
C PHE A 57 10.48 16.75 7.25
N GLY A 58 9.68 17.15 8.23
CA GLY A 58 8.73 18.22 8.04
C GLY A 58 7.65 17.84 7.05
N VAL A 59 7.20 16.59 7.15
CA VAL A 59 6.14 16.10 6.26
C VAL A 59 4.99 15.45 7.05
N SER A 60 3.92 15.09 6.34
CA SER A 60 2.73 14.55 6.99
C SER A 60 2.94 13.10 7.43
N ARG A 61 2.07 12.62 8.32
CA ARG A 61 2.10 11.21 8.69
C ARG A 61 1.84 10.31 7.48
N HIS A 62 0.95 10.74 6.60
CA HIS A 62 0.70 9.96 5.39
C HIS A 62 1.97 9.78 4.57
N THR A 63 2.76 10.83 4.43
CA THR A 63 3.95 10.72 3.60
C THR A 63 4.95 9.74 4.25
N ILE A 64 5.13 9.85 5.57
CA ILE A 64 5.99 8.92 6.29
C ILE A 64 5.50 7.48 6.10
N ARG A 65 4.19 7.27 6.26
CA ARG A 65 3.62 5.94 6.19
C ARG A 65 3.75 5.36 4.79
N LYS A 66 3.67 6.21 3.78
CA LYS A 66 3.90 5.77 2.41
C LYS A 66 5.35 5.33 2.23
N ALA A 67 6.29 6.12 2.75
CA ALA A 67 7.70 5.73 2.61
C ALA A 67 7.99 4.40 3.33
N ILE A 68 7.55 4.34 4.57
CA ILE A 68 7.80 3.15 5.37
C ILE A 68 7.10 1.94 4.74
N GLY A 69 5.84 2.10 4.35
CA GLY A 69 5.10 1.04 3.69
C GLY A 69 5.80 0.51 2.45
N ASP A 70 6.40 1.40 1.67
CA ASP A 70 7.15 0.95 0.51
C ASP A 70 8.35 0.14 0.93
N LEU A 71 9.09 0.63 1.94
CA LEU A 71 10.29 -0.07 2.35
C LEU A 71 9.96 -1.43 3.00
N VAL A 72 8.81 -1.51 3.64
CA VAL A 72 8.35 -2.77 4.22
C VAL A 72 8.04 -3.72 3.09
N SER A 73 7.36 -3.23 2.06
CA SER A 73 7.05 -4.08 0.90
C SER A 73 8.28 -4.62 0.19
N GLN A 74 9.40 -3.89 0.20
CA GLN A 74 10.59 -4.41 -0.46
C GLN A 74 11.51 -5.14 0.50
N GLY A 75 11.07 -5.26 1.75
CA GLY A 75 11.74 -6.13 2.70
C GLY A 75 12.84 -5.48 3.52
N LEU A 76 12.94 -4.17 3.43
CA LEU A 76 14.01 -3.46 4.14
C LEU A 76 13.67 -3.27 5.61
N LEU A 77 12.38 -3.26 5.91
CA LEU A 77 11.89 -2.93 7.24
C LEU A 77 10.74 -3.85 7.61
N TYR A 78 10.43 -3.95 8.89
CA TYR A 78 9.14 -4.52 9.30
C TYR A 78 8.53 -3.70 10.42
N SER A 79 7.20 -3.73 10.51
CA SER A 79 6.50 -2.94 11.50
C SER A 79 5.81 -3.84 12.50
N VAL A 80 5.84 -3.42 13.75
CA VAL A 80 5.09 -4.05 14.83
C VAL A 80 4.13 -3.02 15.40
N GLN A 81 2.84 -3.30 15.26
CA GLN A 81 1.79 -2.40 15.73
C GLN A 81 1.97 -2.15 17.22
N GLY A 82 2.07 -0.89 17.60
CA GLY A 82 2.27 -0.53 18.99
C GLY A 82 3.71 -0.67 19.46
N GLY A 83 4.57 -1.19 18.60
CA GLY A 83 5.96 -1.42 18.98
C GLY A 83 6.90 -0.46 18.29
N GLY A 84 6.93 -0.50 16.97
CA GLY A 84 7.83 0.36 16.23
C GLY A 84 8.08 -0.21 14.86
N THR A 85 9.04 0.37 14.17
CA THR A 85 9.45 -0.12 12.85
C THR A 85 10.95 -0.37 12.91
N PHE A 86 11.38 -1.49 12.32
CA PHE A 86 12.72 -2.02 12.54
C PHE A 86 13.43 -2.40 11.23
N VAL A 87 14.77 -2.31 11.22
CA VAL A 87 15.55 -2.84 10.11
C VAL A 87 15.38 -4.36 10.06
N ALA A 88 15.06 -4.87 8.88
CA ALA A 88 14.83 -6.28 8.70
C ALA A 88 16.14 -7.02 8.57
N HIS B 5 -26.14 -9.85 -11.52
CA HIS B 5 -26.82 -8.87 -12.36
C HIS B 5 -26.21 -7.51 -12.13
N HIS B 6 -25.26 -7.17 -13.01
CA HIS B 6 -24.20 -6.15 -12.84
C HIS B 6 -24.25 -4.74 -12.21
N HIS B 7 -23.45 -4.53 -11.14
CA HIS B 7 -23.49 -3.50 -10.07
C HIS B 7 -23.80 -4.55 -8.98
N LEU B 8 -23.51 -4.39 -7.67
CA LEU B 8 -22.24 -3.86 -7.12
C LEU B 8 -21.71 -4.89 -6.06
N GLU B 9 -20.55 -4.66 -5.45
CA GLU B 9 -19.94 -5.73 -4.59
C GLU B 9 -19.93 -5.55 -3.05
N VAL B 10 -20.51 -6.51 -2.34
CA VAL B 10 -20.55 -6.49 -0.88
C VAL B 10 -19.18 -6.81 -0.27
N LEU B 11 -18.87 -6.21 0.87
CA LEU B 11 -17.78 -6.67 1.72
C LEU B 11 -18.19 -6.63 3.21
N PHE B 12 -17.89 -7.69 3.95
CA PHE B 12 -18.45 -7.85 5.29
C PHE B 12 -17.97 -6.75 6.25
N GLN B 13 -18.95 -6.15 6.93
CA GLN B 13 -18.72 -5.01 7.81
C GLN B 13 -18.03 -5.44 9.09
N GLY B 14 -17.82 -4.47 9.98
CA GLY B 14 -17.19 -4.78 11.24
C GLY B 14 -17.05 -3.65 12.23
N PRO B 15 -18.08 -3.43 13.07
CA PRO B 15 -17.60 -3.06 14.42
C PRO B 15 -17.53 -4.30 15.28
N LEU B 16 -18.59 -5.09 15.11
CA LEU B 16 -18.58 -6.48 15.48
C LEU B 16 -17.47 -7.19 14.72
N SER B 18 -15.02 -12.05 14.88
CA SER B 18 -13.84 -12.61 15.54
C SER B 18 -13.17 -13.68 14.67
N GLU B 19 -12.06 -13.31 14.05
CA GLU B 19 -11.20 -14.21 13.29
C GLU B 19 -11.89 -14.86 12.09
N PHE B 20 -12.85 -14.14 11.51
CA PHE B 20 -13.32 -14.38 10.16
C PHE B 20 -13.08 -13.07 9.44
N MET B 21 -12.70 -12.08 10.25
CA MET B 21 -12.67 -10.69 9.83
C MET B 21 -11.39 -10.26 9.12
N LEU B 22 -11.56 -9.49 8.06
CA LEU B 22 -10.46 -8.84 7.38
C LEU B 22 -10.73 -7.36 7.31
N PRO B 23 -9.68 -6.54 7.29
CA PRO B 23 -9.89 -5.11 7.05
C PRO B 23 -10.49 -4.91 5.66
N LYS B 24 -11.22 -3.83 5.45
CA LYS B 24 -11.82 -3.56 4.14
C LYS B 24 -10.83 -3.59 2.97
N TYR B 25 -9.62 -3.04 3.15
CA TYR B 25 -8.66 -2.99 2.03
C TYR B 25 -8.27 -4.43 1.68
N ALA B 26 -8.19 -5.30 2.68
CA ALA B 26 -7.84 -6.70 2.44
C ALA B 26 -8.95 -7.43 1.69
N GLN B 27 -10.20 -7.14 2.03
CA GLN B 27 -11.32 -7.75 1.33
C GLN B 27 -11.35 -7.29 -0.14
N VAL B 28 -11.07 -6.01 -0.35
CA VAL B 28 -11.04 -5.49 -1.72
C VAL B 28 -9.91 -6.17 -2.50
N LYS B 29 -8.75 -6.29 -1.87
CA LYS B 29 -7.63 -7.05 -2.46
C LYS B 29 -8.04 -8.47 -2.85
N GLU B 30 -8.74 -9.16 -1.95
CA GLU B 30 -9.17 -10.52 -2.21
C GLU B 30 -10.13 -10.59 -3.40
N GLU B 31 -11.06 -9.66 -3.48
CA GLU B 31 -12.03 -9.68 -4.58
C GLU B 31 -11.32 -9.38 -5.91
N ILE B 32 -10.54 -8.30 -5.94
CA ILE B 32 -9.84 -7.95 -7.16
C ILE B 32 -8.93 -9.09 -7.60
N SER B 33 -8.25 -9.71 -6.65
CA SER B 33 -7.35 -10.79 -7.05
C SER B 33 -8.17 -12.02 -7.47
N SER B 34 -9.41 -12.11 -6.99
CA SER B 34 -10.28 -13.22 -7.38
C SER B 34 -10.78 -13.01 -8.81
N TRP B 35 -10.85 -11.75 -9.25
CA TRP B 35 -11.18 -11.46 -10.66
C TRP B 35 -10.07 -11.93 -11.59
N ILE B 36 -8.84 -11.58 -11.26
CA ILE B 36 -7.68 -12.28 -11.79
C ILE B 36 -7.79 -13.69 -11.21
N ASN B 37 -6.87 -14.60 -11.52
CA ASN B 37 -7.04 -16.01 -11.14
C ASN B 37 -8.24 -16.61 -11.87
N GLN B 38 -9.43 -16.09 -11.64
CA GLN B 38 -10.65 -16.61 -12.28
C GLN B 38 -10.77 -16.21 -13.74
N GLY B 39 -9.79 -15.47 -14.22
CA GLY B 39 -9.74 -15.12 -15.63
C GLY B 39 -10.77 -14.11 -16.06
N LYS B 40 -11.46 -13.49 -15.11
CA LYS B 40 -12.43 -12.45 -15.43
C LYS B 40 -11.73 -11.21 -16.03
N ILE B 41 -10.47 -11.00 -15.65
CA ILE B 41 -9.66 -9.96 -16.27
C ILE B 41 -8.36 -10.59 -16.75
N LEU B 42 -7.98 -10.28 -17.99
CA LEU B 42 -6.79 -10.88 -18.62
C LEU B 42 -5.61 -9.93 -18.56
N PRO B 43 -4.37 -10.45 -18.74
CA PRO B 43 -3.20 -9.58 -18.76
C PRO B 43 -3.35 -8.40 -19.71
N ASP B 44 -2.95 -7.22 -19.23
CA ASP B 44 -3.00 -5.97 -19.98
C ASP B 44 -4.42 -5.49 -20.24
N GLN B 45 -5.39 -6.10 -19.57
CA GLN B 45 -6.76 -5.58 -19.56
C GLN B 45 -6.93 -4.65 -18.37
N LYS B 46 -7.74 -3.61 -18.57
CA LYS B 46 -7.91 -2.58 -17.56
C LYS B 46 -8.94 -3.01 -16.53
N ILE B 47 -8.66 -2.79 -15.26
CA ILE B 47 -9.65 -2.99 -14.22
C ILE B 47 -10.45 -1.70 -14.11
N PRO B 48 -11.57 -1.72 -13.36
CA PRO B 48 -12.33 -0.47 -13.21
C PRO B 48 -11.51 0.65 -12.62
N THR B 49 -11.93 1.89 -12.88
CA THR B 49 -11.27 3.05 -12.31
C THR B 49 -11.40 3.09 -10.80
N GLU B 50 -10.61 3.94 -10.17
CA GLU B 50 -10.64 4.05 -8.72
C GLU B 50 -12.01 4.53 -8.28
N ASN B 51 -12.64 5.43 -9.03
CA ASN B 51 -13.96 5.91 -8.65
C ASN B 51 -15.06 4.86 -8.80
N GLU B 52 -14.94 4.04 -9.84
CA GLU B 52 -15.85 2.92 -10.04
C GLU B 52 -15.69 1.93 -8.89
N LEU B 53 -14.45 1.67 -8.51
CA LEU B 53 -14.18 0.73 -7.41
C LEU B 53 -14.70 1.28 -6.07
N MET B 54 -14.52 2.58 -5.85
CA MET B 54 -15.05 3.25 -4.66
C MET B 54 -16.54 3.03 -4.53
N GLN B 55 -17.24 3.29 -5.63
CA GLN B 55 -18.70 3.19 -5.61
C GLN B 55 -19.16 1.73 -5.53
N GLN B 56 -18.40 0.83 -6.13
CA GLN B 56 -18.89 -0.54 -6.23
C GLN B 56 -18.58 -1.35 -4.96
N PHE B 57 -17.52 -0.98 -4.26
CA PHE B 57 -17.17 -1.62 -2.97
C PHE B 57 -17.66 -0.80 -1.78
N GLY B 58 -18.11 0.42 -2.04
CA GLY B 58 -18.63 1.27 -0.98
C GLY B 58 -17.59 1.68 0.04
N VAL B 59 -16.39 2.00 -0.45
CA VAL B 59 -15.27 2.40 0.40
C VAL B 59 -14.57 3.67 -0.14
N SER B 60 -13.66 4.24 0.65
CA SER B 60 -13.00 5.49 0.24
C SER B 60 -11.98 5.25 -0.87
N ARG B 61 -11.56 6.33 -1.53
CA ARG B 61 -10.48 6.21 -2.50
C ARG B 61 -9.21 5.69 -1.82
N HIS B 62 -8.95 6.16 -0.60
CA HIS B 62 -7.80 5.69 0.17
C HIS B 62 -7.76 4.17 0.30
N THR B 63 -8.90 3.58 0.60
CA THR B 63 -8.95 2.13 0.77
C THR B 63 -8.69 1.44 -0.56
N ILE B 64 -9.28 1.95 -1.65
CA ILE B 64 -9.06 1.34 -2.95
C ILE B 64 -7.58 1.41 -3.32
N ARG B 65 -6.97 2.56 -3.03
CA ARG B 65 -5.57 2.77 -3.40
C ARG B 65 -4.64 1.91 -2.57
N LYS B 66 -4.99 1.70 -1.31
CA LYS B 66 -4.22 0.77 -0.49
C LYS B 66 -4.31 -0.65 -1.09
N ALA B 67 -5.52 -1.11 -1.43
CA ALA B 67 -5.66 -2.44 -2.03
C ALA B 67 -4.86 -2.61 -3.31
N ILE B 68 -5.05 -1.65 -4.21
CA ILE B 68 -4.40 -1.71 -5.50
C ILE B 68 -2.89 -1.59 -5.34
N GLY B 69 -2.45 -0.73 -4.43
CA GLY B 69 -1.04 -0.54 -4.18
C GLY B 69 -0.39 -1.83 -3.71
N ASP B 70 -1.06 -2.55 -2.82
CA ASP B 70 -0.51 -3.83 -2.38
C ASP B 70 -0.43 -4.79 -3.57
N LEU B 71 -1.48 -4.82 -4.39
CA LEU B 71 -1.48 -5.78 -5.51
C LEU B 71 -0.43 -5.45 -6.58
N VAL B 72 -0.17 -4.17 -6.82
CA VAL B 72 0.91 -3.74 -7.72
C VAL B 72 2.24 -4.19 -7.12
N SER B 73 2.39 -3.95 -5.82
CA SER B 73 3.57 -4.40 -5.10
C SER B 73 3.77 -5.92 -5.23
N GLN B 74 2.68 -6.68 -5.36
CA GLN B 74 2.79 -8.12 -5.54
C GLN B 74 3.10 -8.50 -6.99
N GLY B 75 2.94 -7.56 -7.90
CA GLY B 75 3.17 -7.83 -9.31
C GLY B 75 1.95 -8.39 -10.00
N LEU B 76 0.79 -8.25 -9.37
CA LEU B 76 -0.47 -8.72 -9.94
C LEU B 76 -1.10 -7.68 -10.86
N LEU B 77 -0.85 -6.41 -10.57
CA LEU B 77 -1.39 -5.28 -11.36
C LEU B 77 -0.31 -4.27 -11.65
N TYR B 78 -0.53 -3.43 -12.66
CA TYR B 78 0.34 -2.28 -12.88
C TYR B 78 -0.48 -1.05 -13.25
N SER B 79 0.03 0.13 -12.92
CA SER B 79 -0.71 1.37 -13.11
C SER B 79 0.01 2.31 -14.05
N VAL B 80 -0.78 3.05 -14.83
CA VAL B 80 -0.29 4.15 -15.67
C VAL B 80 -1.10 5.37 -15.28
N GLN B 81 -0.46 6.44 -14.82
CA GLN B 81 -1.29 7.52 -14.30
C GLN B 81 -1.95 8.22 -15.48
N GLY B 82 -3.23 8.54 -15.30
CA GLY B 82 -4.03 9.11 -16.36
C GLY B 82 -4.52 8.07 -17.34
N GLY B 83 -4.01 6.85 -17.19
CA GLY B 83 -4.39 5.76 -18.09
C GLY B 83 -5.33 4.81 -17.38
N GLY B 84 -4.80 4.10 -16.40
CA GLY B 84 -5.62 3.13 -15.69
C GLY B 84 -4.77 2.14 -14.94
N THR B 85 -5.42 1.09 -14.44
CA THR B 85 -4.72 0.02 -13.76
C THR B 85 -5.10 -1.28 -14.47
N PHE B 86 -4.11 -2.13 -14.69
CA PHE B 86 -4.23 -3.29 -15.58
C PHE B 86 -3.73 -4.57 -14.92
N VAL B 87 -4.26 -5.72 -15.34
CA VAL B 87 -3.73 -7.03 -14.91
C VAL B 87 -2.35 -7.20 -15.50
N ALA B 88 -1.38 -7.52 -14.64
CA ALA B 88 -0.03 -7.75 -15.09
C ALA B 88 0.03 -9.02 -15.94
#